data_8GD3
#
_entry.id   8GD3
#
_cell.length_a   62.730
_cell.length_b   66.948
_cell.length_c   92.175
_cell.angle_alpha   90.00
_cell.angle_beta   90.00
_cell.angle_gamma   90.00
#
_symmetry.space_group_name_H-M   'P 21 21 21'
#
loop_
_entity.id
_entity.type
_entity.pdbx_description
1 polymer 'HIV-1 LM/HS clade A/E CRF01 gp120 core'
2 non-polymer 2-acetamido-2-deoxy-beta-D-glucopyranose
3 non-polymer '4-(2-HYDROXYETHYL)-1-PIPERAZINE ETHANESULFONIC ACID'
4 non-polymer (3S,5R)-N-(4-chloro-3-fluorophenyl)-1-(4-glycylpiperazine-1-carbonyl)-5-(hydroxymethyl)piperidine-3-carboxamide
5 non-polymer DI(HYDROXYETHYL)ETHER
6 water water
#
_entity_poly.entity_id   1
_entity_poly.type   'polypeptide(L)'
_entity_poly.pdbx_seq_one_letter_code
;VPVWKDADTTLFCASDAKAYETEVHNVWATHACVPTDPNPQEIHLENVTENFNMWKNNMVEQMHEDIISLWDQSLQPCVK
LTGGSVIKQACPKISFDPIPIHYCTPAGYVILKCNDKNFNGTGPCKNVSSVQCTHGIKPVVSTQLLLNGSLAEEEIIIRS
ENLTNNAKTIIVHLNKSVEINCTRPSNGGSGSGGDIRKAYCEINGTKWNKVLKQVTEKLKEHFNNKTIIFQPPSGGDLEI
TMHSFNCRGEFFYCNTTQLFNNTCIGNETMKGCNGTITLPCKIKQIINMWQGTGQAMYAPPIDGKINCVSNITGILLTRD
GGANNTSNETFRPGGGDMRDNWRSELYKYKVVQIE
;
_entity_poly.pdbx_strand_id   A
#
# COMPACT_ATOMS: atom_id res chain seq x y z
N PRO A 2 23.78 -24.59 -10.92
CA PRO A 2 23.62 -23.72 -9.76
C PRO A 2 22.33 -23.99 -8.97
N VAL A 3 22.44 -24.48 -7.74
CA VAL A 3 21.26 -24.73 -6.94
C VAL A 3 21.23 -23.74 -5.77
N TRP A 4 20.07 -23.66 -5.12
CA TRP A 4 19.83 -22.66 -4.11
C TRP A 4 18.97 -23.27 -3.02
N LYS A 5 18.83 -22.52 -1.93
CA LYS A 5 17.94 -22.86 -0.84
C LYS A 5 17.34 -21.57 -0.28
N ASP A 6 16.20 -21.71 0.38
CA ASP A 6 15.55 -20.57 0.99
C ASP A 6 16.40 -20.04 2.13
N ALA A 7 16.48 -18.72 2.22
CA ALA A 7 17.34 -18.05 3.18
C ALA A 7 16.99 -16.57 3.26
N ASP A 8 17.27 -15.99 4.42
CA ASP A 8 17.18 -14.56 4.68
C ASP A 8 18.59 -13.97 4.67
N THR A 9 18.71 -12.74 4.20
CA THR A 9 19.96 -12.03 4.26
C THR A 9 19.66 -10.55 4.27
N THR A 10 20.68 -9.73 4.56
CA THR A 10 20.52 -8.29 4.57
C THR A 10 20.60 -7.77 3.14
N LEU A 11 19.53 -7.16 2.68
CA LEU A 11 19.47 -6.56 1.36
C LEU A 11 20.01 -5.13 1.38
N PHE A 12 20.33 -4.58 0.22
CA PHE A 12 20.58 -3.16 0.04
C PHE A 12 19.59 -2.61 -0.98
N CYS A 13 19.56 -1.29 -1.12
CA CYS A 13 18.55 -0.62 -1.93
C CYS A 13 19.22 0.25 -2.98
N ALA A 14 18.50 0.45 -4.08
CA ALA A 14 18.94 1.25 -5.21
C ALA A 14 17.80 2.14 -5.67
N SER A 15 18.15 3.33 -6.15
CA SER A 15 17.14 4.32 -6.57
C SER A 15 17.77 5.28 -7.58
N ASP A 16 16.92 6.16 -8.10
CA ASP A 16 17.28 7.22 -9.04
C ASP A 16 17.17 8.60 -8.40
N ALA A 17 17.56 8.73 -7.14
CA ALA A 17 17.42 10.01 -6.47
C ALA A 17 18.26 11.08 -7.15
N LYS A 18 17.73 12.30 -7.17
CA LYS A 18 18.39 13.44 -7.81
C LYS A 18 19.28 14.17 -6.81
N ALA A 19 20.41 14.68 -7.32
CA ALA A 19 21.50 15.13 -6.47
C ALA A 19 21.05 16.21 -5.48
N TYR A 20 20.42 17.28 -5.97
CA TYR A 20 20.11 18.41 -5.11
C TYR A 20 18.62 18.54 -4.79
N GLU A 21 17.82 17.53 -5.10
CA GLU A 21 16.41 17.57 -4.73
C GLU A 21 16.29 17.58 -3.21
N THR A 22 15.44 18.46 -2.70
CA THR A 22 15.21 18.49 -1.26
C THR A 22 14.04 17.59 -0.83
N GLU A 23 13.33 16.99 -1.78
CA GLU A 23 12.26 16.05 -1.44
C GLU A 23 12.77 14.91 -0.57
N VAL A 24 12.03 14.59 0.49
CA VAL A 24 12.60 13.79 1.58
C VAL A 24 12.93 12.37 1.11
N HIS A 25 12.16 11.82 0.17
CA HIS A 25 12.47 10.49 -0.32
C HIS A 25 13.77 10.51 -1.10
N ASN A 26 13.99 11.55 -1.90
CA ASN A 26 15.24 11.68 -2.64
C ASN A 26 16.44 11.76 -1.71
N VAL A 27 16.36 12.63 -0.70
CA VAL A 27 17.47 12.83 0.24
C VAL A 27 17.81 11.52 0.96
N TRP A 28 16.79 10.81 1.44
CA TRP A 28 17.04 9.55 2.12
C TRP A 28 17.71 8.55 1.17
N ALA A 29 17.22 8.46 -0.06
CA ALA A 29 17.84 7.53 -1.01
C ALA A 29 19.26 7.94 -1.38
N THR A 30 19.54 9.23 -1.37
CA THR A 30 20.88 9.71 -1.74
C THR A 30 21.94 9.14 -0.80
N HIS A 31 21.64 9.05 0.49
CA HIS A 31 22.63 8.58 1.45
C HIS A 31 22.43 7.13 1.90
N ALA A 32 21.29 6.52 1.62
CA ALA A 32 20.99 5.18 2.12
C ALA A 32 20.88 4.14 1.01
N CYS A 33 20.92 4.54 -0.25
CA CYS A 33 20.77 3.64 -1.39
C CYS A 33 21.88 3.94 -2.38
N VAL A 34 22.08 3.01 -3.31
CA VAL A 34 23.04 3.19 -4.39
C VAL A 34 22.26 3.56 -5.66
N PRO A 35 22.92 3.98 -6.74
CA PRO A 35 22.21 4.16 -8.00
C PRO A 35 21.70 2.83 -8.55
N THR A 36 20.58 2.89 -9.28
CA THR A 36 19.98 1.69 -9.84
C THR A 36 20.88 1.04 -10.89
N ASP A 37 20.71 -0.27 -11.02
CA ASP A 37 21.46 -1.08 -11.96
C ASP A 37 21.25 -0.56 -13.38
N PRO A 38 22.31 -0.12 -14.06
CA PRO A 38 22.13 0.41 -15.42
C PRO A 38 21.80 -0.67 -16.45
N ASN A 39 22.23 -1.91 -16.25
CA ASN A 39 21.96 -2.98 -17.21
C ASN A 39 21.41 -4.21 -16.51
N PRO A 40 20.13 -4.18 -16.13
CA PRO A 40 19.52 -5.35 -15.50
C PRO A 40 19.08 -6.36 -16.54
N GLN A 41 19.25 -7.65 -16.23
CA GLN A 41 18.80 -8.73 -17.11
C GLN A 41 18.44 -9.94 -16.27
N GLU A 42 17.18 -10.36 -16.32
CA GLU A 42 16.76 -11.52 -15.57
C GLU A 42 17.08 -12.81 -16.32
N ILE A 43 17.36 -13.85 -15.57
CA ILE A 43 17.73 -15.14 -16.10
C ILE A 43 16.57 -16.10 -15.92
N HIS A 44 15.97 -16.53 -17.03
CA HIS A 44 14.88 -17.49 -16.95
C HIS A 44 15.43 -18.85 -16.54
N LEU A 45 14.72 -19.50 -15.62
CA LEU A 45 15.11 -20.80 -15.08
C LEU A 45 14.22 -21.87 -15.73
N GLU A 46 14.78 -22.59 -16.70
CA GLU A 46 14.03 -23.52 -17.53
C GLU A 46 13.41 -24.64 -16.71
N ASN A 47 12.11 -24.89 -16.94
CA ASN A 47 11.36 -26.00 -16.33
C ASN A 47 11.43 -25.98 -14.80
N VAL A 48 11.59 -24.82 -14.19
CA VAL A 48 11.71 -24.74 -12.73
C VAL A 48 10.37 -24.32 -12.15
N THR A 49 9.92 -25.06 -11.15
CA THR A 49 8.77 -24.71 -10.34
C THR A 49 9.25 -24.41 -8.93
N GLU A 50 8.79 -23.32 -8.35
CA GLU A 50 9.25 -22.89 -7.04
C GLU A 50 8.07 -22.39 -6.24
N ASN A 51 8.09 -22.69 -4.94
CA ASN A 51 7.09 -22.24 -3.98
C ASN A 51 7.44 -20.87 -3.42
N PHE A 52 6.42 -20.02 -3.28
CA PHE A 52 6.52 -18.68 -2.73
C PHE A 52 5.52 -18.54 -1.59
N ASN A 53 5.79 -17.60 -0.68
CA ASN A 53 4.83 -17.26 0.38
C ASN A 53 4.95 -15.77 0.67
N MET A 54 4.07 -14.97 0.07
CA MET A 54 4.11 -13.52 0.25
C MET A 54 3.81 -13.12 1.70
N TRP A 55 3.18 -13.98 2.50
CA TRP A 55 2.84 -13.66 3.88
C TRP A 55 3.94 -14.01 4.87
N LYS A 56 5.01 -14.66 4.41
CA LYS A 56 6.14 -15.08 5.21
C LYS A 56 7.38 -14.76 4.39
N ASN A 57 7.71 -13.47 4.31
CA ASN A 57 8.75 -13.01 3.39
C ASN A 57 9.53 -11.91 4.08
N ASN A 58 10.79 -12.19 4.38
CA ASN A 58 11.58 -11.27 5.17
C ASN A 58 11.87 -9.98 4.43
N MET A 59 11.75 -9.98 3.10
CA MET A 59 11.89 -8.74 2.34
C MET A 59 10.91 -7.68 2.82
N VAL A 60 9.72 -8.12 3.20
CA VAL A 60 8.68 -7.20 3.67
C VAL A 60 9.14 -6.49 4.95
N GLU A 61 9.67 -7.27 5.90
CA GLU A 61 10.16 -6.71 7.16
C GLU A 61 11.33 -5.77 6.93
N GLN A 62 12.19 -6.10 5.96
CA GLN A 62 13.32 -5.22 5.66
C GLN A 62 12.84 -3.92 5.06
N MET A 63 11.87 -3.98 4.15
CA MET A 63 11.32 -2.75 3.60
C MET A 63 10.62 -1.95 4.68
N HIS A 64 9.90 -2.62 5.57
CA HIS A 64 9.21 -1.94 6.66
C HIS A 64 10.20 -1.11 7.47
N GLU A 65 11.33 -1.73 7.84
CA GLU A 65 12.37 -1.05 8.59
C GLU A 65 12.93 0.15 7.82
N ASP A 66 13.10 0.02 6.51
CA ASP A 66 13.56 1.16 5.71
C ASP A 66 12.56 2.31 5.77
N ILE A 67 11.27 2.03 5.53
CA ILE A 67 10.30 3.12 5.46
C ILE A 67 10.13 3.77 6.83
N ILE A 68 10.17 2.98 7.91
CA ILE A 68 10.19 3.56 9.26
C ILE A 68 11.37 4.52 9.38
N SER A 69 12.57 4.06 9.00
CA SER A 69 13.76 4.90 9.09
C SER A 69 13.62 6.16 8.23
N LEU A 70 13.00 6.04 7.06
CA LEU A 70 12.85 7.20 6.18
C LEU A 70 11.91 8.23 6.80
N TRP A 71 10.75 7.78 7.25
CA TRP A 71 9.81 8.69 7.89
C TRP A 71 10.39 9.29 9.17
N ASP A 72 11.17 8.50 9.92
CA ASP A 72 11.72 9.01 11.18
C ASP A 72 12.71 10.15 10.95
N GLN A 73 13.47 10.11 9.87
CA GLN A 73 14.43 11.14 9.52
C GLN A 73 13.83 12.30 8.71
N SER A 74 12.63 12.14 8.16
CA SER A 74 12.12 13.08 7.16
C SER A 74 10.95 13.91 7.63
N LEU A 75 9.96 13.29 8.26
CA LEU A 75 8.85 14.05 8.81
C LEU A 75 9.21 14.54 10.20
N GLN A 76 9.08 15.84 10.44
CA GLN A 76 9.33 16.38 11.77
C GLN A 76 8.05 16.98 12.35
N PRO A 77 7.42 16.28 13.27
CA PRO A 77 6.27 16.84 13.98
C PRO A 77 6.69 17.90 14.98
N CYS A 78 5.83 18.91 15.15
CA CYS A 78 6.04 19.90 16.21
C CYS A 78 6.07 19.23 17.57
N VAL A 79 5.23 18.23 17.77
CA VAL A 79 5.10 17.57 19.07
C VAL A 79 4.97 16.07 18.83
N LYS A 80 5.77 15.30 19.56
CA LYS A 80 5.78 13.84 19.48
C LYS A 80 5.47 13.31 20.87
N LEU A 81 4.43 12.50 20.97
CA LEU A 81 3.95 11.95 22.24
C LEU A 81 3.97 10.43 22.12
N THR A 82 5.05 9.81 22.59
CA THR A 82 5.16 8.34 22.65
C THR A 82 4.87 7.84 24.06
N GLY A 83 3.74 8.24 24.63
CA GLY A 83 3.39 7.79 25.95
C GLY A 83 4.12 8.57 27.03
N GLY A 84 3.40 9.45 27.73
CA GLY A 84 3.99 10.27 28.76
C GLY A 84 4.93 11.32 28.21
N SER A 85 6.12 10.89 27.77
CA SER A 85 7.13 11.79 27.20
C SER A 85 6.56 12.66 26.08
N VAL A 86 6.89 13.96 26.13
CA VAL A 86 6.44 14.94 25.16
C VAL A 86 7.65 15.67 24.61
N ILE A 87 8.00 15.38 23.36
CA ILE A 87 9.12 16.02 22.67
C ILE A 87 8.59 17.16 21.82
N LYS A 88 9.13 18.35 22.02
CA LYS A 88 8.77 19.53 21.23
C LYS A 88 9.96 19.89 20.35
N GLN A 89 9.69 20.35 19.14
CA GLN A 89 10.78 20.76 18.25
C GLN A 89 10.20 21.55 17.09
N ALA A 90 11.10 22.00 16.22
CA ALA A 90 10.71 22.74 15.03
C ALA A 90 10.07 21.79 14.02
N CYS A 91 9.03 22.29 13.35
CA CYS A 91 8.28 21.51 12.36
C CYS A 91 8.16 22.29 11.06
N PRO A 92 9.26 22.43 10.32
CA PRO A 92 9.16 23.04 8.99
C PRO A 92 8.40 22.14 8.04
N LYS A 93 7.69 22.78 7.12
CA LYS A 93 7.03 22.04 6.06
C LYS A 93 8.08 21.45 5.11
N ILE A 94 7.81 20.25 4.62
CA ILE A 94 8.76 19.52 3.79
C ILE A 94 8.17 19.36 2.40
N SER A 95 9.02 18.91 1.49
CA SER A 95 8.64 18.43 0.16
C SER A 95 8.60 16.90 0.23
N PHE A 96 7.46 16.32 -0.16
CA PHE A 96 7.21 14.90 0.06
C PHE A 96 6.49 14.32 -1.15
N ASP A 97 7.14 13.36 -1.82
CA ASP A 97 6.56 12.55 -2.89
C ASP A 97 7.37 11.27 -3.09
N PRO A 98 6.76 10.09 -2.87
CA PRO A 98 7.57 8.85 -2.86
C PRO A 98 8.20 8.57 -4.22
N ILE A 99 9.38 7.97 -4.20
CA ILE A 99 10.08 7.57 -5.43
C ILE A 99 10.29 6.07 -5.37
N PRO A 100 10.55 5.42 -6.52
CA PRO A 100 10.73 3.96 -6.51
C PRO A 100 12.02 3.54 -5.79
N ILE A 101 11.92 2.46 -5.04
CA ILE A 101 13.07 1.84 -4.38
C ILE A 101 13.22 0.44 -4.93
N HIS A 102 14.43 0.08 -5.35
CA HIS A 102 14.75 -1.28 -5.74
C HIS A 102 15.42 -1.97 -4.55
N TYR A 103 15.03 -3.21 -4.27
CA TYR A 103 15.70 -4.01 -3.26
C TYR A 103 16.58 -5.04 -3.96
N CYS A 104 17.83 -5.14 -3.51
CA CYS A 104 18.87 -5.91 -4.19
C CYS A 104 19.60 -6.81 -3.22
N THR A 105 20.14 -8.01 -3.78
CA THR A 105 20.81 -9.04 -3.00
C THR A 105 22.32 -8.83 -3.00
N PRO A 106 22.99 -9.15 -1.91
CA PRO A 106 24.45 -9.12 -1.90
C PRO A 106 25.02 -10.37 -2.57
N ALA A 107 26.35 -10.41 -2.65
CA ALA A 107 27.04 -11.55 -3.23
C ALA A 107 26.63 -12.86 -2.56
N GLY A 108 26.43 -13.88 -3.37
CA GLY A 108 26.07 -15.20 -2.88
C GLY A 108 24.58 -15.43 -2.78
N TYR A 109 23.77 -14.49 -3.27
CA TYR A 109 22.32 -14.54 -3.12
C TYR A 109 21.71 -14.04 -4.42
N VAL A 110 20.45 -14.44 -4.66
CA VAL A 110 19.67 -13.88 -5.77
C VAL A 110 18.21 -13.80 -5.34
N ILE A 111 17.44 -13.03 -6.10
CA ILE A 111 16.00 -12.92 -5.94
C ILE A 111 15.33 -13.73 -7.03
N LEU A 112 14.45 -14.64 -6.63
CA LEU A 112 13.61 -15.38 -7.56
C LEU A 112 12.34 -14.58 -7.78
N LYS A 113 11.87 -14.55 -9.02
CA LYS A 113 10.72 -13.75 -9.39
C LYS A 113 9.68 -14.64 -10.04
N CYS A 114 8.47 -14.60 -9.51
CA CYS A 114 7.37 -15.35 -10.08
C CYS A 114 6.71 -14.53 -11.19
N ASN A 115 6.70 -15.09 -12.39
CA ASN A 115 6.12 -14.45 -13.57
C ASN A 115 4.76 -15.01 -13.95
N ASP A 116 4.18 -15.88 -13.13
CA ASP A 116 2.83 -16.38 -13.40
C ASP A 116 1.83 -15.24 -13.30
N LYS A 117 1.06 -15.01 -14.36
CA LYS A 117 0.12 -13.90 -14.40
C LYS A 117 -1.10 -14.11 -13.52
N ASN A 118 -1.36 -15.32 -13.04
CA ASN A 118 -2.44 -15.58 -12.11
C ASN A 118 -1.94 -15.92 -10.71
N PHE A 119 -0.64 -15.74 -10.45
CA PHE A 119 -0.08 -16.04 -9.13
C PHE A 119 -0.80 -15.25 -8.05
N ASN A 120 -1.26 -15.94 -7.00
CA ASN A 120 -2.02 -15.30 -5.94
C ASN A 120 -1.17 -14.95 -4.71
N GLY A 121 0.15 -15.16 -4.77
CA GLY A 121 1.03 -14.85 -3.65
C GLY A 121 1.49 -16.04 -2.82
N THR A 122 0.81 -17.18 -2.87
CA THR A 122 1.26 -18.36 -2.11
C THR A 122 1.12 -19.63 -2.93
N GLY A 123 2.07 -20.53 -2.76
CA GLY A 123 2.07 -21.79 -3.48
C GLY A 123 3.04 -21.80 -4.65
N PRO A 124 2.92 -22.82 -5.49
CA PRO A 124 3.90 -23.00 -6.58
C PRO A 124 3.75 -21.97 -7.68
N CYS A 125 4.84 -21.83 -8.42
CA CYS A 125 4.93 -20.90 -9.53
C CYS A 125 5.75 -21.58 -10.62
N LYS A 126 5.22 -21.60 -11.83
CA LYS A 126 5.86 -22.41 -12.87
C LYS A 126 6.68 -21.62 -13.88
N ASN A 127 6.57 -20.29 -13.91
CA ASN A 127 7.39 -19.41 -14.74
C ASN A 127 8.25 -18.54 -13.80
N VAL A 128 9.46 -19.00 -13.53
CA VAL A 128 10.35 -18.41 -12.54
C VAL A 128 11.57 -17.86 -13.25
N SER A 129 12.02 -16.69 -12.82
CA SER A 129 13.27 -16.11 -13.28
C SER A 129 14.05 -15.65 -12.05
N SER A 130 15.32 -15.33 -12.26
CA SER A 130 16.16 -14.78 -11.21
C SER A 130 16.60 -13.37 -11.59
N VAL A 131 16.61 -12.48 -10.60
CA VAL A 131 17.03 -11.10 -10.77
C VAL A 131 17.98 -10.74 -9.65
N GLN A 132 18.76 -9.68 -9.90
CA GLN A 132 19.60 -9.08 -8.89
C GLN A 132 18.87 -8.04 -8.06
N CYS A 133 17.85 -7.41 -8.62
CA CYS A 133 17.09 -6.38 -7.92
C CYS A 133 15.62 -6.52 -8.30
N THR A 134 14.74 -6.20 -7.36
CA THR A 134 13.33 -6.04 -7.68
C THR A 134 13.17 -4.84 -8.61
N HIS A 135 11.97 -4.65 -9.13
CA HIS A 135 11.63 -3.41 -9.78
C HIS A 135 11.52 -2.28 -8.76
N GLY A 136 11.31 -1.08 -9.28
CA GLY A 136 11.15 0.09 -8.43
C GLY A 136 9.82 0.11 -7.73
N ILE A 137 9.83 0.06 -6.40
CA ILE A 137 8.62 0.01 -5.60
C ILE A 137 8.49 1.33 -4.87
N LYS A 138 7.36 1.99 -5.07
CA LYS A 138 7.04 3.23 -4.38
C LYS A 138 6.46 2.91 -3.02
N PRO A 139 7.01 3.43 -1.93
CA PRO A 139 6.51 3.07 -0.59
C PRO A 139 5.39 3.98 -0.10
N VAL A 140 4.17 3.73 -0.58
CA VAL A 140 3.04 4.62 -0.31
C VAL A 140 2.36 4.18 0.96
N VAL A 141 2.33 5.06 1.95
CA VAL A 141 1.68 4.79 3.21
C VAL A 141 0.20 5.15 3.08
N SER A 142 -0.68 4.19 3.37
CA SER A 142 -2.11 4.48 3.31
C SER A 142 -2.87 3.43 4.11
N THR A 143 -4.17 3.70 4.31
CA THR A 143 -5.12 2.70 4.80
C THR A 143 -6.28 2.56 3.82
N GLN A 144 -6.94 1.41 3.89
CA GLN A 144 -8.11 1.04 3.10
C GLN A 144 -7.80 0.88 1.61
N LEU A 145 -7.20 1.87 0.98
CA LEU A 145 -6.89 1.76 -0.44
C LEU A 145 -5.38 1.76 -0.64
N LEU A 146 -4.94 0.86 -1.51
CA LEU A 146 -3.57 0.81 -1.98
C LEU A 146 -3.46 1.75 -3.18
N LEU A 147 -2.48 2.64 -3.14
CA LEU A 147 -2.38 3.71 -4.14
C LEU A 147 -1.07 3.62 -4.91
N ASN A 148 -1.17 3.93 -6.20
CA ASN A 148 0.00 4.14 -7.05
C ASN A 148 0.83 2.88 -7.18
N GLY A 149 0.23 1.73 -6.94
CA GLY A 149 0.93 0.48 -7.07
C GLY A 149 0.90 -0.05 -8.48
N SER A 150 1.25 -1.33 -8.61
CA SER A 150 1.12 -2.05 -9.86
C SER A 150 -0.23 -2.75 -9.91
N LEU A 151 -0.57 -3.21 -11.11
CA LEU A 151 -1.86 -3.83 -11.36
C LEU A 151 -1.66 -5.32 -11.63
N ALA A 152 -2.68 -6.09 -11.31
CA ALA A 152 -2.73 -7.47 -11.75
C ALA A 152 -2.83 -7.50 -13.28
N GLU A 153 -2.10 -8.43 -13.89
CA GLU A 153 -1.92 -8.43 -15.33
C GLU A 153 -3.03 -9.18 -16.06
N GLU A 154 -3.78 -10.05 -15.40
CA GLU A 154 -4.88 -10.75 -16.05
C GLU A 154 -6.15 -10.42 -15.30
N GLU A 155 -6.64 -11.34 -14.47
CA GLU A 155 -7.86 -11.13 -13.70
C GLU A 155 -7.56 -10.38 -12.41
N ILE A 156 -8.64 -9.94 -11.75
CA ILE A 156 -8.53 -9.44 -10.38
C ILE A 156 -8.08 -10.59 -9.49
N ILE A 157 -7.08 -10.33 -8.65
CA ILE A 157 -6.45 -11.37 -7.81
C ILE A 157 -6.82 -11.13 -6.36
N ILE A 158 -7.29 -12.18 -5.68
CA ILE A 158 -7.52 -12.16 -4.24
C ILE A 158 -6.32 -12.76 -3.54
N ARG A 159 -5.75 -12.02 -2.59
CA ARG A 159 -4.58 -12.46 -1.84
C ARG A 159 -4.92 -12.56 -0.36
N SER A 160 -4.49 -13.66 0.27
CA SER A 160 -4.70 -13.87 1.70
C SER A 160 -3.84 -15.03 2.16
N GLU A 161 -3.34 -14.94 3.39
CA GLU A 161 -2.59 -16.05 3.97
C GLU A 161 -3.49 -17.27 4.15
N ASN A 162 -4.78 -17.06 4.40
CA ASN A 162 -5.76 -18.13 4.65
C ASN A 162 -7.17 -17.54 4.61
N LEU A 163 -7.84 -17.72 3.47
CA LEU A 163 -9.12 -17.06 3.25
C LEU A 163 -10.19 -17.53 4.24
N THR A 164 -10.12 -18.80 4.64
CA THR A 164 -11.06 -19.35 5.62
C THR A 164 -10.94 -18.66 6.97
N ASN A 165 -9.75 -18.17 7.32
CA ASN A 165 -9.52 -17.49 8.59
C ASN A 165 -9.86 -16.01 8.42
N ASN A 166 -10.95 -15.58 9.04
CA ASN A 166 -11.42 -14.21 8.90
C ASN A 166 -10.53 -13.17 9.56
N ALA A 167 -9.57 -13.58 10.41
CA ALA A 167 -8.67 -12.61 11.00
C ALA A 167 -7.55 -12.20 10.04
N LYS A 168 -7.40 -12.92 8.94
CA LYS A 168 -6.34 -12.66 7.97
C LYS A 168 -6.80 -11.61 6.97
N THR A 169 -5.97 -10.61 6.75
CA THR A 169 -6.30 -9.54 5.83
C THR A 169 -6.32 -10.03 4.39
N ILE A 170 -7.24 -9.49 3.60
CA ILE A 170 -7.37 -9.78 2.18
C ILE A 170 -6.84 -8.59 1.41
N ILE A 171 -5.89 -8.84 0.51
CA ILE A 171 -5.46 -7.85 -0.47
C ILE A 171 -6.18 -8.15 -1.78
N VAL A 172 -7.01 -7.21 -2.23
CA VAL A 172 -7.60 -7.30 -3.56
C VAL A 172 -6.68 -6.55 -4.51
N HIS A 173 -6.19 -7.24 -5.56
CA HIS A 173 -5.28 -6.66 -6.55
C HIS A 173 -6.05 -6.39 -7.83
N LEU A 174 -6.25 -5.11 -8.14
CA LEU A 174 -7.06 -4.73 -9.28
C LEU A 174 -6.28 -4.94 -10.57
N ASN A 175 -7.01 -5.13 -11.67
CA ASN A 175 -6.37 -5.19 -12.98
C ASN A 175 -6.59 -3.91 -13.80
N LYS A 176 -7.40 -2.98 -13.31
CA LYS A 176 -7.60 -1.68 -13.92
C LYS A 176 -7.61 -0.62 -12.83
N SER A 177 -6.69 0.33 -12.91
CA SER A 177 -6.59 1.35 -11.87
C SER A 177 -7.78 2.29 -11.93
N VAL A 178 -8.09 2.88 -10.78
CA VAL A 178 -9.20 3.81 -10.65
C VAL A 178 -8.66 5.08 -10.02
N GLU A 179 -8.79 6.20 -10.72
CA GLU A 179 -8.18 7.45 -10.29
C GLU A 179 -8.94 8.04 -9.10
N ILE A 180 -8.21 8.61 -8.15
CA ILE A 180 -8.78 9.35 -7.02
C ILE A 180 -8.07 10.69 -6.96
N ASN A 181 -8.83 11.76 -7.12
CA ASN A 181 -8.30 13.10 -7.28
C ASN A 181 -8.71 13.92 -6.06
N CYS A 182 -7.75 14.24 -5.20
CA CYS A 182 -8.01 14.85 -3.90
C CYS A 182 -7.49 16.29 -3.86
N THR A 183 -8.32 17.20 -3.37
CA THR A 183 -7.97 18.62 -3.38
C THR A 183 -8.32 19.29 -2.05
N ARG A 184 -7.36 20.04 -1.52
CA ARG A 184 -7.63 21.07 -0.52
C ARG A 184 -7.56 22.39 -1.27
N PRO A 185 -8.69 23.01 -1.62
CA PRO A 185 -8.63 24.21 -2.41
C PRO A 185 -8.15 25.49 -1.71
N SER A 186 -7.88 26.46 -2.56
CA SER A 186 -7.49 27.87 -2.39
C SER A 186 -7.22 28.41 -0.99
N ASN A 187 -8.13 28.38 0.01
CA ASN A 187 -7.52 29.20 1.06
C ASN A 187 -8.47 30.00 1.95
N GLY A 188 -7.86 30.68 2.93
CA GLY A 188 -8.61 31.42 3.92
C GLY A 188 -8.07 31.33 5.35
N GLY A 189 -8.84 31.88 6.28
CA GLY A 189 -8.45 31.88 7.68
C GLY A 189 -9.62 32.08 8.63
N ASP A 195 -12.44 27.18 6.47
CA ASP A 195 -11.82 25.98 7.02
C ASP A 195 -10.66 25.51 6.13
N ILE A 196 -9.45 25.74 6.60
CA ILE A 196 -8.27 25.35 5.85
C ILE A 196 -8.01 23.86 5.86
N ARG A 197 -8.76 23.09 6.65
CA ARG A 197 -8.57 21.66 6.73
C ARG A 197 -9.58 20.86 5.90
N LYS A 198 -10.61 21.51 5.36
CA LYS A 198 -11.65 20.80 4.62
C LYS A 198 -11.20 20.50 3.20
N ALA A 199 -11.30 19.24 2.79
CA ALA A 199 -10.86 18.83 1.47
C ALA A 199 -11.88 17.85 0.90
N TYR A 200 -11.59 17.36 -0.30
CA TYR A 200 -12.49 16.40 -0.92
C TYR A 200 -11.74 15.63 -1.99
N CYS A 201 -12.16 14.39 -2.19
CA CYS A 201 -11.62 13.52 -3.23
C CYS A 201 -12.73 13.19 -4.22
N GLU A 202 -12.37 13.22 -5.50
CA GLU A 202 -13.31 12.96 -6.58
C GLU A 202 -12.95 11.66 -7.28
N ILE A 203 -13.96 10.84 -7.54
CA ILE A 203 -13.78 9.55 -8.19
C ILE A 203 -14.90 9.38 -9.23
N ASN A 204 -14.54 8.86 -10.39
CA ASN A 204 -15.54 8.50 -11.40
C ASN A 204 -16.38 7.34 -10.87
N GLY A 205 -17.66 7.61 -10.61
CA GLY A 205 -18.54 6.57 -10.07
C GLY A 205 -18.77 5.41 -11.02
N THR A 206 -18.88 5.69 -12.32
CA THR A 206 -19.05 4.60 -13.28
C THR A 206 -17.91 3.61 -13.21
N LYS A 207 -16.67 4.12 -13.23
CA LYS A 207 -15.51 3.24 -13.13
C LYS A 207 -15.50 2.50 -11.80
N TRP A 208 -15.72 3.21 -10.69
CA TRP A 208 -15.56 2.58 -9.38
C TRP A 208 -16.58 1.48 -9.19
N ASN A 209 -17.85 1.75 -9.52
CA ASN A 209 -18.87 0.75 -9.29
C ASN A 209 -18.73 -0.43 -10.23
N LYS A 210 -18.15 -0.20 -11.42
CA LYS A 210 -17.89 -1.32 -12.30
C LYS A 210 -16.83 -2.23 -11.70
N VAL A 211 -15.75 -1.64 -11.19
CA VAL A 211 -14.66 -2.41 -10.60
C VAL A 211 -15.13 -3.11 -9.32
N LEU A 212 -15.96 -2.42 -8.51
CA LEU A 212 -16.49 -3.06 -7.31
C LEU A 212 -17.37 -4.26 -7.66
N LYS A 213 -18.19 -4.13 -8.70
CA LYS A 213 -18.97 -5.27 -9.18
C LYS A 213 -18.06 -6.44 -9.50
N GLN A 214 -16.98 -6.19 -10.25
CA GLN A 214 -16.04 -7.25 -10.60
C GLN A 214 -15.39 -7.84 -9.35
N VAL A 215 -15.09 -7.00 -8.35
CA VAL A 215 -14.50 -7.52 -7.12
C VAL A 215 -15.48 -8.45 -6.40
N THR A 216 -16.75 -8.07 -6.32
CA THR A 216 -17.73 -8.93 -5.67
C THR A 216 -17.84 -10.27 -6.38
N GLU A 217 -17.83 -10.27 -7.72
CA GLU A 217 -17.95 -11.52 -8.46
C GLU A 217 -16.74 -12.40 -8.20
N LYS A 218 -15.56 -11.79 -8.09
CA LYS A 218 -14.35 -12.54 -7.80
C LYS A 218 -14.40 -13.10 -6.37
N LEU A 219 -14.92 -12.33 -5.43
CA LEU A 219 -15.05 -12.84 -4.07
C LEU A 219 -16.08 -13.97 -4.02
N LYS A 220 -17.13 -13.91 -4.84
CA LYS A 220 -18.11 -15.00 -4.89
C LYS A 220 -17.44 -16.31 -5.30
N GLU A 221 -16.44 -16.25 -6.18
CA GLU A 221 -15.73 -17.44 -6.60
C GLU A 221 -15.00 -18.12 -5.45
N HIS A 222 -14.61 -17.36 -4.42
CA HIS A 222 -13.86 -17.91 -3.29
C HIS A 222 -14.75 -18.32 -2.13
N PHE A 223 -16.00 -17.87 -2.10
CA PHE A 223 -16.86 -18.07 -0.94
C PHE A 223 -18.19 -18.71 -1.35
N ASN A 224 -18.09 -19.81 -2.10
CA ASN A 224 -19.23 -20.66 -2.45
C ASN A 224 -20.42 -19.84 -2.94
N ASN A 225 -20.15 -19.02 -3.94
CA ASN A 225 -21.14 -18.12 -4.59
C ASN A 225 -22.10 -17.53 -3.55
N LYS A 226 -21.59 -17.11 -2.40
CA LYS A 226 -22.45 -16.50 -1.35
C LYS A 226 -22.76 -15.05 -1.68
N THR A 227 -23.73 -14.46 -1.01
CA THR A 227 -23.97 -13.04 -1.20
C THR A 227 -22.82 -12.25 -0.59
N ILE A 228 -22.28 -11.29 -1.34
CA ILE A 228 -21.13 -10.47 -0.91
C ILE A 228 -21.62 -9.08 -0.54
N ILE A 229 -21.29 -8.64 0.66
CA ILE A 229 -21.75 -7.34 1.17
C ILE A 229 -20.55 -6.53 1.63
N PHE A 230 -20.52 -5.27 1.21
CA PHE A 230 -19.51 -4.32 1.67
C PHE A 230 -20.14 -3.42 2.72
N GLN A 231 -19.43 -3.22 3.82
CA GLN A 231 -19.84 -2.30 4.87
C GLN A 231 -18.65 -1.43 5.26
N PRO A 232 -18.91 -0.22 5.75
CA PRO A 232 -17.82 0.63 6.25
C PRO A 232 -17.23 0.01 7.51
N PRO A 233 -16.00 0.39 7.89
CA PRO A 233 -15.38 -0.20 9.09
C PRO A 233 -16.29 -0.10 10.32
N SER A 234 -16.09 -0.96 11.30
CA SER A 234 -16.97 -1.01 12.47
C SER A 234 -16.12 -0.69 13.70
N GLY A 235 -15.83 0.58 13.86
CA GLY A 235 -15.06 1.03 14.99
C GLY A 235 -13.58 1.12 14.68
N GLY A 236 -12.88 1.84 15.53
CA GLY A 236 -11.46 2.10 15.35
C GLY A 236 -11.21 3.58 15.36
N ASP A 237 -9.93 3.93 15.32
CA ASP A 237 -9.56 5.31 15.23
C ASP A 237 -9.68 5.77 13.79
N LEU A 238 -9.55 7.10 13.60
CA LEU A 238 -9.79 7.72 12.31
C LEU A 238 -8.93 7.13 11.22
N GLU A 239 -7.71 6.69 11.56
CA GLU A 239 -6.84 6.07 10.56
C GLU A 239 -7.44 4.77 10.03
N ILE A 240 -8.25 4.09 10.82
CA ILE A 240 -8.85 2.84 10.38
C ILE A 240 -10.19 3.08 9.68
N THR A 241 -11.04 3.91 10.27
CA THR A 241 -12.36 4.15 9.71
C THR A 241 -12.32 5.05 8.49
N MET A 242 -11.21 5.75 8.25
CA MET A 242 -11.09 6.59 7.08
C MET A 242 -9.97 6.07 6.20
N HIS A 243 -10.05 6.42 4.92
CA HIS A 243 -8.94 6.24 3.99
C HIS A 243 -7.92 7.33 4.27
N SER A 244 -6.81 6.94 4.87
CA SER A 244 -5.74 7.84 5.26
C SER A 244 -4.57 7.69 4.29
N PHE A 245 -3.89 8.80 4.03
CA PHE A 245 -2.74 8.86 3.13
C PHE A 245 -2.08 10.23 3.29
N ASN A 246 -0.88 10.36 2.77
CA ASN A 246 -0.16 11.62 2.83
C ASN A 246 -0.03 12.21 1.43
N CYS A 247 -0.36 13.49 1.32
CA CYS A 247 -0.34 14.21 0.06
C CYS A 247 0.42 15.52 0.29
N ARG A 248 1.57 15.66 -0.37
CA ARG A 248 2.43 16.84 -0.27
C ARG A 248 2.87 17.10 1.17
N GLY A 249 3.02 16.05 1.97
CA GLY A 249 3.37 16.20 3.37
C GLY A 249 2.20 16.37 4.30
N GLU A 250 1.01 16.67 3.78
CA GLU A 250 -0.19 16.81 4.60
C GLU A 250 -0.90 15.47 4.71
N PHE A 251 -1.47 15.20 5.89
CA PHE A 251 -2.15 13.93 6.15
C PHE A 251 -3.64 14.09 5.87
N PHE A 252 -4.10 13.45 4.81
CA PHE A 252 -5.51 13.48 4.45
C PHE A 252 -6.23 12.30 5.09
N TYR A 253 -7.43 12.56 5.60
CA TYR A 253 -8.35 11.53 6.09
C TYR A 253 -9.65 11.66 5.31
N CYS A 254 -10.03 10.60 4.59
CA CYS A 254 -11.16 10.67 3.65
C CYS A 254 -12.21 9.63 3.98
N ASN A 255 -13.47 10.08 4.01
CA ASN A 255 -14.60 9.22 4.32
C ASN A 255 -14.94 8.40 3.07
N THR A 256 -14.88 7.06 3.17
CA THR A 256 -15.11 6.15 2.05
C THR A 256 -16.46 5.47 2.11
N THR A 257 -17.39 6.01 2.88
CA THR A 257 -18.73 5.47 2.93
C THR A 257 -19.35 5.34 1.55
N GLN A 258 -19.23 6.37 0.71
CA GLN A 258 -19.84 6.33 -0.61
C GLN A 258 -19.17 5.31 -1.52
N LEU A 259 -17.95 4.89 -1.19
CA LEU A 259 -17.29 3.87 -1.99
C LEU A 259 -17.78 2.48 -1.62
N PHE A 260 -18.14 2.27 -0.37
CA PHE A 260 -18.54 0.95 0.08
C PHE A 260 -20.02 0.96 0.42
N ASN A 261 -20.83 1.18 -0.62
CA ASN A 261 -22.31 1.18 -0.52
C ASN A 261 -22.81 0.10 -1.49
N ASN A 262 -23.59 -0.85 -1.01
CA ASN A 262 -23.99 -1.98 -1.89
C ASN A 262 -25.16 -1.63 -2.82
N THR A 263 -25.72 -0.41 -2.74
CA THR A 263 -26.89 -0.07 -3.52
C THR A 263 -26.57 0.06 -5.01
N CYS A 264 -25.40 0.62 -5.33
CA CYS A 264 -25.04 0.84 -6.71
C CYS A 264 -24.27 -0.36 -7.26
N LYS A 271 -29.34 2.43 -12.04
CA LYS A 271 -29.74 3.33 -10.96
C LYS A 271 -29.20 4.74 -11.24
N GLY A 272 -29.51 5.70 -10.37
CA GLY A 272 -29.12 7.07 -10.60
C GLY A 272 -27.84 7.46 -9.86
N CYS A 273 -26.76 6.70 -10.10
CA CYS A 273 -25.46 6.91 -9.44
C CYS A 273 -24.36 6.49 -10.42
N ASN A 274 -24.12 7.34 -11.41
CA ASN A 274 -23.12 7.14 -12.45
C ASN A 274 -22.19 8.33 -12.55
N GLY A 275 -22.32 9.32 -11.68
CA GLY A 275 -21.55 10.54 -11.76
C GLY A 275 -20.29 10.49 -10.91
N THR A 276 -19.73 11.68 -10.71
CA THR A 276 -18.54 11.82 -9.88
C THR A 276 -18.91 11.60 -8.41
N ILE A 277 -18.13 10.78 -7.72
CA ILE A 277 -18.29 10.56 -6.28
C ILE A 277 -17.35 11.52 -5.56
N THR A 278 -17.90 12.37 -4.71
CA THR A 278 -17.13 13.31 -3.93
C THR A 278 -17.04 12.81 -2.49
N LEU A 279 -15.86 12.44 -2.10
CA LEU A 279 -15.57 12.01 -0.74
C LEU A 279 -15.20 13.23 0.10
N PRO A 280 -15.91 13.48 1.22
CA PRO A 280 -15.45 14.52 2.15
C PRO A 280 -14.17 14.07 2.83
N CYS A 281 -13.26 15.02 3.04
CA CYS A 281 -11.97 14.75 3.65
C CYS A 281 -11.57 15.90 4.55
N LYS A 282 -10.60 15.61 5.42
CA LYS A 282 -9.99 16.65 6.22
C LYS A 282 -8.51 16.36 6.42
N ILE A 283 -7.73 17.43 6.44
CA ILE A 283 -6.31 17.39 6.75
C ILE A 283 -6.15 17.40 8.27
N LYS A 284 -5.46 16.42 8.81
CA LYS A 284 -5.33 16.29 10.25
C LYS A 284 -3.92 16.67 10.69
N GLN A 285 -3.85 17.42 11.79
CA GLN A 285 -2.55 17.75 12.38
C GLN A 285 -2.08 16.69 13.35
N ILE A 286 -3.01 16.01 14.02
CA ILE A 286 -2.70 15.06 15.09
C ILE A 286 -3.04 13.68 14.57
N ILE A 287 -2.04 12.82 14.47
CA ILE A 287 -2.25 11.53 13.85
C ILE A 287 -1.69 10.47 14.78
N ASN A 288 -2.31 9.30 14.73
CA ASN A 288 -1.76 8.11 15.38
C ASN A 288 -0.76 7.48 14.42
N MET A 289 0.50 7.51 14.81
CA MET A 289 1.57 7.06 13.92
C MET A 289 1.43 5.58 13.60
N TRP A 290 1.92 5.20 12.41
CA TRP A 290 1.97 3.81 11.99
C TRP A 290 3.32 3.16 12.28
N GLN A 291 4.40 3.93 12.39
CA GLN A 291 5.71 3.36 12.72
C GLN A 291 5.65 2.66 14.08
N GLY A 292 5.33 3.41 15.13
CA GLY A 292 5.11 2.83 16.44
C GLY A 292 3.98 3.54 17.15
N THR A 293 3.61 2.97 18.29
CA THR A 293 2.54 3.53 19.09
C THR A 293 2.89 4.95 19.51
N GLY A 294 1.97 5.87 19.26
CA GLY A 294 2.21 7.25 19.62
C GLY A 294 1.44 8.20 18.72
N GLN A 295 1.35 9.43 19.19
CA GLN A 295 0.72 10.53 18.50
C GLN A 295 1.79 11.51 18.06
N ALA A 296 1.55 12.15 16.93
CA ALA A 296 2.42 13.19 16.40
C ALA A 296 1.56 14.36 15.98
N MET A 297 2.01 15.57 16.31
CA MET A 297 1.30 16.78 15.94
C MET A 297 2.15 17.57 14.95
N TYR A 298 1.55 17.91 13.82
CA TYR A 298 2.21 18.69 12.79
C TYR A 298 1.62 20.10 12.76
N ALA A 299 2.25 20.95 11.97
CA ALA A 299 1.83 22.32 11.82
C ALA A 299 0.64 22.37 10.87
N PRO A 300 -0.11 23.49 10.88
CA PRO A 300 -1.27 23.56 9.99
C PRO A 300 -0.86 23.47 8.54
N PRO A 301 -1.79 23.14 7.67
CA PRO A 301 -1.41 22.89 6.27
C PRO A 301 -0.85 24.13 5.58
N ILE A 302 -0.01 23.88 4.58
CA ILE A 302 0.49 24.94 3.72
C ILE A 302 -0.67 25.66 3.02
N ASP A 303 -0.43 26.90 2.61
CA ASP A 303 -1.44 27.64 1.86
C ASP A 303 -1.40 27.22 0.39
N GLY A 304 -2.43 27.63 -0.35
CA GLY A 304 -2.56 27.31 -1.76
C GLY A 304 -3.33 26.02 -1.98
N LYS A 305 -3.52 25.72 -3.26
CA LYS A 305 -4.22 24.50 -3.66
C LYS A 305 -3.33 23.29 -3.39
N ILE A 306 -3.80 22.38 -2.53
CA ILE A 306 -3.14 21.10 -2.28
C ILE A 306 -3.88 20.02 -3.07
N ASN A 307 -3.18 19.37 -3.99
CA ASN A 307 -3.82 18.44 -4.90
C ASN A 307 -2.95 17.22 -5.15
N CYS A 308 -3.57 16.04 -5.08
CA CYS A 308 -2.95 14.78 -5.44
C CYS A 308 -3.91 13.97 -6.28
N VAL A 309 -3.42 13.48 -7.41
CA VAL A 309 -4.14 12.56 -8.26
C VAL A 309 -3.41 11.23 -8.18
N SER A 310 -4.11 10.19 -7.73
CA SER A 310 -3.47 8.90 -7.53
C SER A 310 -4.25 7.78 -8.22
N ASN A 311 -3.58 6.65 -8.40
CA ASN A 311 -4.20 5.43 -8.91
C ASN A 311 -4.55 4.51 -7.75
N ILE A 312 -5.84 4.25 -7.54
CA ILE A 312 -6.22 3.11 -6.70
C ILE A 312 -5.87 1.83 -7.45
N THR A 313 -5.02 1.01 -6.85
CA THR A 313 -4.54 -0.20 -7.51
C THR A 313 -4.84 -1.45 -6.70
N GLY A 314 -5.42 -1.30 -5.52
CA GLY A 314 -5.79 -2.43 -4.69
C GLY A 314 -6.61 -1.97 -3.51
N ILE A 315 -7.18 -2.94 -2.81
CA ILE A 315 -8.06 -2.68 -1.67
C ILE A 315 -7.68 -3.64 -0.56
N LEU A 316 -7.72 -3.16 0.67
CA LEU A 316 -7.46 -3.98 1.85
C LEU A 316 -8.80 -4.31 2.47
N LEU A 317 -9.07 -5.60 2.68
CA LEU A 317 -10.38 -6.00 3.20
C LEU A 317 -10.22 -6.96 4.37
N THR A 318 -11.12 -6.79 5.35
CA THR A 318 -11.29 -7.71 6.47
C THR A 318 -12.69 -8.31 6.37
N ARG A 319 -12.78 -9.63 6.40
CA ARG A 319 -14.07 -10.32 6.35
C ARG A 319 -14.64 -10.48 7.75
N ASP A 320 -15.94 -10.21 7.88
CA ASP A 320 -16.62 -10.36 9.17
C ASP A 320 -16.66 -11.82 9.61
N GLY A 321 -16.40 -12.04 10.92
CA GLY A 321 -16.54 -13.35 11.50
C GLY A 321 -17.96 -13.68 11.94
N GLY A 322 -18.17 -14.98 12.21
CA GLY A 322 -19.45 -15.43 12.72
C GLY A 322 -20.57 -15.45 11.71
N ALA A 323 -20.24 -15.57 10.41
CA ALA A 323 -21.24 -15.59 9.34
C ALA A 323 -21.44 -16.97 8.72
N ASN A 324 -20.73 -17.99 9.18
CA ASN A 324 -20.81 -19.33 8.58
C ASN A 324 -22.26 -19.78 8.45
N ASN A 325 -23.10 -19.45 9.43
CA ASN A 325 -24.49 -19.89 9.47
C ASN A 325 -25.43 -18.96 8.73
N THR A 326 -24.90 -17.99 8.00
CA THR A 326 -25.71 -17.12 7.18
C THR A 326 -25.36 -17.39 5.71
N SER A 327 -26.05 -16.70 4.81
CA SER A 327 -25.78 -16.80 3.39
C SER A 327 -24.95 -15.63 2.89
N ASN A 328 -24.46 -14.79 3.79
CA ASN A 328 -23.70 -13.61 3.38
C ASN A 328 -22.26 -13.67 3.89
N GLU A 329 -21.40 -12.99 3.13
CA GLU A 329 -20.06 -12.64 3.59
C GLU A 329 -19.97 -11.13 3.48
N THR A 330 -19.65 -10.49 4.59
CA THR A 330 -19.55 -9.04 4.62
C THR A 330 -18.09 -8.62 4.82
N PHE A 331 -17.68 -7.66 4.03
CA PHE A 331 -16.28 -7.25 3.94
C PHE A 331 -16.22 -5.76 4.22
N ARG A 332 -15.18 -5.36 4.95
CA ARG A 332 -14.98 -3.98 5.34
C ARG A 332 -13.56 -3.58 4.99
N PRO A 333 -13.34 -2.33 4.62
CA PRO A 333 -11.98 -1.89 4.31
C PRO A 333 -11.19 -1.83 5.60
N GLY A 334 -9.90 -2.10 5.50
CA GLY A 334 -9.15 -2.29 6.72
C GLY A 334 -7.65 -2.20 6.59
N GLY A 335 -7.09 -1.01 6.73
CA GLY A 335 -5.66 -0.81 6.80
C GLY A 335 -5.14 -0.86 8.23
N GLY A 336 -3.91 -0.39 8.39
CA GLY A 336 -3.30 -0.27 9.70
C GLY A 336 -1.93 -0.92 9.81
N ASP A 337 -1.78 -2.17 9.34
CA ASP A 337 -0.48 -2.84 9.29
C ASP A 337 0.13 -2.53 7.94
N MET A 338 0.97 -1.49 7.93
CA MET A 338 1.65 -1.02 6.72
C MET A 338 2.42 -2.13 6.00
N ARG A 339 2.82 -3.18 6.72
CA ARG A 339 3.51 -4.30 6.07
C ARG A 339 2.72 -4.81 4.87
N ASP A 340 1.38 -4.88 4.99
CA ASP A 340 0.58 -5.37 3.88
C ASP A 340 0.70 -4.50 2.64
N ASN A 341 0.90 -3.19 2.82
CA ASN A 341 1.17 -2.31 1.68
C ASN A 341 2.43 -2.74 0.92
N TRP A 342 3.51 -3.05 1.64
CA TRP A 342 4.73 -3.50 0.97
C TRP A 342 4.57 -4.90 0.38
N ARG A 343 3.78 -5.73 1.06
CA ARG A 343 3.53 -7.08 0.61
C ARG A 343 2.85 -7.07 -0.75
N SER A 344 1.97 -6.09 -0.97
CA SER A 344 1.22 -5.99 -2.20
C SER A 344 2.09 -5.75 -3.42
N GLU A 345 3.35 -5.38 -3.21
CA GLU A 345 4.28 -5.21 -4.31
C GLU A 345 5.39 -6.24 -4.30
N LEU A 346 5.75 -6.76 -3.14
CA LEU A 346 6.82 -7.74 -3.01
C LEU A 346 6.34 -9.18 -3.21
N TYR A 347 5.04 -9.39 -3.42
CA TYR A 347 4.48 -10.74 -3.44
C TYR A 347 5.20 -11.64 -4.44
N LYS A 348 5.75 -11.09 -5.52
CA LYS A 348 6.29 -11.96 -6.55
C LYS A 348 7.77 -12.25 -6.35
N TYR A 349 8.34 -11.86 -5.21
CA TYR A 349 9.78 -11.92 -4.99
C TYR A 349 10.12 -12.78 -3.78
N LYS A 350 11.26 -13.45 -3.84
CA LYS A 350 11.74 -14.26 -2.73
C LYS A 350 13.26 -14.40 -2.85
N VAL A 351 13.92 -14.38 -1.71
CA VAL A 351 15.37 -14.39 -1.67
C VAL A 351 15.83 -15.84 -1.47
N VAL A 352 16.84 -16.25 -2.23
CA VAL A 352 17.45 -17.56 -2.04
C VAL A 352 18.95 -17.40 -1.96
N GLN A 353 19.61 -18.37 -1.32
CA GLN A 353 21.05 -18.42 -1.22
C GLN A 353 21.59 -19.40 -2.27
N ILE A 354 22.56 -18.92 -3.05
CA ILE A 354 23.17 -19.72 -4.12
C ILE A 354 24.05 -20.79 -3.48
N GLU A 355 23.65 -22.04 -3.59
CA GLU A 355 24.46 -23.13 -3.04
C GLU A 355 25.76 -23.25 -3.84
#